data_4H2G
#
_entry.id   4H2G
#
_cell.length_a   67.100
_cell.length_b   131.000
_cell.length_c   66.010
_cell.angle_alpha   90.00
_cell.angle_beta   90.00
_cell.angle_gamma   90.00
#
_symmetry.space_group_name_H-M   'P 21 21 2'
#
loop_
_entity.id
_entity.type
_entity.pdbx_description
1 polymer "5'-nucleotidase"
2 non-polymer 'ZINC ION'
3 non-polymer ADENOSINE
4 non-polymer 'CALCIUM ION'
5 non-polymer 'CHLORIDE ION'
6 water water
#
_entity_poly.entity_id   1
_entity_poly.type   'polypeptide(L)'
_entity_poly.pdbx_seq_one_letter_code
;MAHHHHHHVGTGSNDDDDKSPDPWELTILHTNDVHSRLEQTSEDSSKCVDASRCMGGVARLFTKVQQIRRAEPNVLLLDA
GDQYQGTIWFTVYKGAEVAHFMNALRYDAMALGNHEFDNGVEGLIEPLLKEAKFPILSANIKAKGPLASQISGLYLPYKV
LPVGDEVVGIVGYTSKETPFLSNPGTNLVFEDEITALQPEVDKLKTLNVNKIIALGHSGFEMDKLIAQKVRGVDVVVGGH
SNTFLYTGNPPSKEVPAGKYPFIVTSDDGRKVPVVQAYAFGKYLGYLKIEFDERGNVISSHGNPILLDSSIPEDPSIKAD
INKWRIKLDDYSTQELGKTIVYLDGSSQSCRFRECNMGNLICDAMINNNLRHADEMFWNHVSMCILNGGGIRSPIDERND
GTITWENLAAVLPFGGTFDLVQLKGSTLKKAFEHSVHRYGQSTGEFLQVGGIHVVYDLSRKPGDRVVKLDVLCTACAVPS
YDPLKMDEVYKVILPNFLANGGDGFQMIKDELLRHDSGDQDINVVSTYISKMKVIYPAVEGRIKFS
;
_entity_poly.pdbx_strand_id   A
#
loop_
_chem_comp.id
_chem_comp.type
_chem_comp.name
_chem_comp.formula
ADN non-polymer ADENOSINE 'C10 H13 N5 O4'
CA non-polymer 'CALCIUM ION' 'Ca 2'
CL non-polymer 'CHLORIDE ION' 'Cl -1'
ZN non-polymer 'ZINC ION' 'Zn 2'
#
# COMPACT_ATOMS: atom_id res chain seq x y z
N PRO A 23 26.52 16.34 -23.46
CA PRO A 23 25.35 16.18 -22.60
C PRO A 23 25.70 15.76 -21.17
N TRP A 24 24.85 16.13 -20.22
CA TRP A 24 25.08 15.82 -18.83
C TRP A 24 24.15 14.64 -18.50
N GLU A 25 24.73 13.55 -18.03
CA GLU A 25 23.98 12.32 -17.87
C GLU A 25 23.72 12.05 -16.38
N LEU A 26 22.46 11.78 -16.06
CA LEU A 26 22.05 11.46 -14.70
C LEU A 26 21.43 10.06 -14.69
N THR A 27 21.79 9.28 -13.67
CA THR A 27 21.17 7.97 -13.44
C THR A 27 20.20 8.12 -12.23
N ILE A 28 18.91 7.89 -12.47
CA ILE A 28 17.97 7.96 -11.35
C ILE A 28 17.62 6.55 -10.93
N LEU A 29 17.89 6.25 -9.66
CA LEU A 29 17.52 4.95 -9.08
C LEU A 29 16.33 5.20 -8.20
N HIS A 30 15.34 4.33 -8.23
CA HIS A 30 14.14 4.66 -7.44
C HIS A 30 13.36 3.45 -6.98
N THR A 31 12.82 3.60 -5.77
CA THR A 31 11.90 2.67 -5.19
C THR A 31 10.57 3.30 -4.84
N ASN A 32 9.55 2.48 -4.69
CA ASN A 32 8.25 2.97 -4.24
C ASN A 32 7.46 1.85 -3.65
N ASP A 33 6.58 2.16 -2.71
CA ASP A 33 5.67 1.16 -2.12
C ASP A 33 6.44 -0.05 -1.61
N VAL A 34 7.58 0.25 -0.97
CA VAL A 34 8.44 -0.86 -0.41
C VAL A 34 7.71 -1.57 0.71
N HIS A 35 6.83 -0.84 1.42
CA HIS A 35 5.90 -1.50 2.34
C HIS A 35 6.57 -2.54 3.29
N SER A 36 7.61 -2.04 3.97
CA SER A 36 8.15 -2.73 5.15
CA SER A 36 8.19 -2.73 5.13
C SER A 36 8.82 -4.06 4.75
N ARG A 37 9.14 -4.22 3.48
CA ARG A 37 9.85 -5.47 3.03
C ARG A 37 11.37 -5.29 3.28
N LEU A 38 11.76 -5.11 4.52
CA LEU A 38 13.15 -4.86 4.89
C LEU A 38 13.93 -6.15 4.65
N GLU A 39 13.33 -7.32 4.90
CA GLU A 39 13.98 -8.62 4.66
C GLU A 39 13.63 -9.13 3.27
N GLN A 40 14.52 -9.92 2.66
CA GLN A 40 14.22 -10.53 1.37
C GLN A 40 12.94 -11.37 1.45
N THR A 41 12.23 -11.47 0.30
CA THR A 41 10.91 -12.03 0.26
C THR A 41 10.93 -13.19 -0.73
N SER A 42 9.86 -13.97 -0.75
CA SER A 42 9.64 -14.89 -1.87
CA SER A 42 9.59 -14.88 -1.86
C SER A 42 9.34 -14.06 -3.14
N GLU A 43 9.30 -14.76 -4.26
CA GLU A 43 9.05 -14.18 -5.59
C GLU A 43 7.74 -13.37 -5.60
N ASP A 44 6.75 -13.75 -4.77
CA ASP A 44 5.45 -13.07 -4.80
C ASP A 44 5.39 -12.03 -3.68
N SER A 45 6.56 -11.74 -3.08
CA SER A 45 6.71 -10.67 -2.06
C SER A 45 6.19 -11.08 -0.66
N SER A 46 5.83 -12.36 -0.50
CA SER A 46 5.45 -12.85 0.82
C SER A 46 6.70 -13.31 1.58
N LYS A 47 6.49 -13.92 2.76
CA LYS A 47 7.62 -14.30 3.61
C LYS A 47 8.60 -15.22 2.83
N CYS A 48 9.89 -14.96 2.97
CA CYS A 48 10.92 -15.82 2.40
C CYS A 48 10.94 -17.21 3.08
N VAL A 49 10.85 -18.28 2.30
CA VAL A 49 10.85 -19.68 2.82
C VAL A 49 12.14 -20.39 2.43
N ASP A 50 12.48 -20.30 1.15
CA ASP A 50 13.68 -20.92 0.62
C ASP A 50 14.68 -19.79 0.34
N ALA A 51 15.54 -19.47 1.33
CA ALA A 51 16.44 -18.29 1.24
C ALA A 51 17.27 -18.19 -0.06
N SER A 52 17.68 -19.34 -0.58
CA SER A 52 18.43 -19.37 -1.84
C SER A 52 17.64 -18.91 -3.08
N ARG A 53 16.31 -18.70 -2.96
CA ARG A 53 15.47 -18.35 -4.11
C ARG A 53 14.77 -16.99 -3.86
N CYS A 54 15.08 -16.37 -2.71
CA CYS A 54 14.44 -15.11 -2.36
C CYS A 54 14.97 -13.89 -3.07
N MET A 55 14.21 -12.81 -2.94
CA MET A 55 14.46 -11.57 -3.72
C MET A 55 14.28 -10.30 -2.89
N GLY A 56 14.78 -9.18 -3.40
CA GLY A 56 14.52 -7.90 -2.68
C GLY A 56 15.21 -7.85 -1.33
N GLY A 57 14.64 -7.06 -0.38
CA GLY A 57 15.26 -6.78 0.89
C GLY A 57 16.31 -5.67 0.76
N VAL A 58 16.49 -4.94 1.87
CA VAL A 58 17.41 -3.77 1.83
CA VAL A 58 17.39 -3.77 1.90
C VAL A 58 18.88 -4.18 1.73
N ALA A 59 19.24 -5.40 2.19
CA ALA A 59 20.67 -5.76 2.13
C ALA A 59 21.08 -5.98 0.65
N ARG A 60 20.20 -6.60 -0.12
CA ARG A 60 20.42 -6.83 -1.57
C ARG A 60 20.34 -5.53 -2.37
N LEU A 61 19.38 -4.68 -1.98
CA LEU A 61 19.28 -3.34 -2.63
C LEU A 61 20.55 -2.57 -2.41
N PHE A 62 21.11 -2.62 -1.18
CA PHE A 62 22.36 -1.93 -0.87
C PHE A 62 23.48 -2.35 -1.84
N THR A 63 23.65 -3.66 -2.01
CA THR A 63 24.68 -4.18 -2.95
C THR A 63 24.52 -3.58 -4.36
N LYS A 64 23.29 -3.59 -4.89
CA LYS A 64 23.07 -3.15 -6.27
C LYS A 64 23.29 -1.63 -6.33
N VAL A 65 22.78 -0.87 -5.35
CA VAL A 65 22.93 0.59 -5.41
C VAL A 65 24.45 0.93 -5.33
N GLN A 66 25.20 0.21 -4.49
CA GLN A 66 26.60 0.50 -4.34
C GLN A 66 27.36 0.23 -5.68
N GLN A 67 27.02 -0.88 -6.33
CA GLN A 67 27.59 -1.22 -7.65
CA GLN A 67 27.65 -1.19 -7.63
C GLN A 67 27.34 -0.09 -8.68
N ILE A 68 26.10 0.39 -8.73
CA ILE A 68 25.76 1.42 -9.72
C ILE A 68 26.43 2.74 -9.40
N ARG A 69 26.54 3.07 -8.12
CA ARG A 69 27.26 4.29 -7.73
CA ARG A 69 27.26 4.29 -7.74
C ARG A 69 28.76 4.22 -8.05
N ARG A 70 29.36 2.98 -8.08
CA ARG A 70 30.76 2.93 -8.57
C ARG A 70 30.88 3.16 -10.07
N ALA A 71 29.82 2.82 -10.83
CA ALA A 71 29.87 2.90 -12.31
C ALA A 71 29.45 4.26 -12.87
N GLU A 72 28.59 4.98 -12.16
CA GLU A 72 27.85 6.14 -12.73
C GLU A 72 28.21 7.36 -11.91
N PRO A 73 28.81 8.38 -12.57
CA PRO A 73 29.23 9.57 -11.81
C PRO A 73 28.08 10.32 -11.09
N ASN A 74 26.92 10.43 -11.76
CA ASN A 74 25.81 11.35 -11.33
C ASN A 74 24.61 10.45 -11.05
N VAL A 75 24.35 10.19 -9.74
CA VAL A 75 23.32 9.24 -9.36
C VAL A 75 22.44 9.94 -8.30
N LEU A 76 21.10 9.81 -8.46
CA LEU A 76 20.16 10.09 -7.33
C LEU A 76 19.39 8.83 -7.00
N LEU A 77 19.28 8.51 -5.70
CA LEU A 77 18.45 7.41 -5.22
C LEU A 77 17.21 8.00 -4.53
N LEU A 78 16.06 7.73 -5.09
CA LEU A 78 14.81 8.47 -4.69
C LEU A 78 13.82 7.41 -4.22
N ASP A 79 13.00 7.73 -3.23
CA ASP A 79 11.89 6.85 -2.87
C ASP A 79 10.56 7.65 -3.08
N ALA A 80 9.58 7.01 -3.68
CA ALA A 80 8.29 7.72 -4.02
C ALA A 80 7.18 7.40 -2.98
N GLY A 81 7.58 7.04 -1.77
CA GLY A 81 6.61 6.93 -0.65
C GLY A 81 6.09 5.55 -0.35
N ASP A 82 5.39 5.41 0.75
CA ASP A 82 4.82 4.07 1.15
C ASP A 82 5.94 3.07 1.55
N GLN A 83 6.92 3.55 2.28
CA GLN A 83 7.86 2.69 3.07
C GLN A 83 7.06 2.11 4.25
N TYR A 84 6.26 2.98 4.91
CA TYR A 84 5.48 2.49 6.07
C TYR A 84 4.48 1.43 5.65
N GLN A 85 4.18 0.52 6.63
CA GLN A 85 3.09 -0.48 6.59
C GLN A 85 3.42 -1.72 5.72
N GLY A 86 3.38 -2.90 6.33
CA GLY A 86 3.37 -4.12 5.53
C GLY A 86 3.87 -5.38 6.21
N THR A 87 4.71 -5.23 7.22
CA THR A 87 5.18 -6.48 7.94
C THR A 87 5.34 -6.15 9.42
N ILE A 88 5.72 -7.18 10.20
CA ILE A 88 6.04 -7.02 11.59
C ILE A 88 7.08 -5.94 11.89
N TRP A 89 7.95 -5.63 10.92
CA TRP A 89 8.93 -4.54 11.11
C TRP A 89 8.23 -3.24 11.46
N PHE A 90 7.21 -2.87 10.67
CA PHE A 90 6.49 -1.66 10.89
C PHE A 90 5.68 -1.69 12.21
N THR A 91 5.10 -2.85 12.46
CA THR A 91 4.31 -3.10 13.69
C THR A 91 5.13 -2.74 14.91
N VAL A 92 6.36 -3.24 14.95
CA VAL A 92 7.20 -3.12 16.15
C VAL A 92 8.01 -1.81 16.16
N TYR A 93 8.63 -1.47 14.99
CA TYR A 93 9.54 -0.34 14.97
C TYR A 93 8.92 0.99 14.54
N LYS A 94 7.73 0.90 13.98
CA LYS A 94 6.84 2.09 13.75
C LYS A 94 7.50 3.21 12.90
N GLY A 95 8.44 2.85 12.04
CA GLY A 95 9.04 3.82 11.16
C GLY A 95 10.52 4.06 11.53
N ALA A 96 10.98 3.65 12.74
CA ALA A 96 12.40 3.79 13.12
C ALA A 96 13.23 2.95 12.16
N GLU A 97 12.69 1.81 11.72
CA GLU A 97 13.44 0.92 10.76
C GLU A 97 13.57 1.55 9.40
N VAL A 98 12.54 2.34 9.03
CA VAL A 98 12.56 3.07 7.72
C VAL A 98 13.67 4.11 7.78
N ALA A 99 13.67 4.98 8.80
CA ALA A 99 14.74 6.01 8.89
C ALA A 99 16.13 5.31 8.90
N HIS A 100 16.29 4.28 9.74
CA HIS A 100 17.57 3.69 9.95
C HIS A 100 18.12 3.06 8.62
N PHE A 101 17.30 2.26 7.97
CA PHE A 101 17.77 1.58 6.77
C PHE A 101 17.81 2.47 5.57
N MET A 102 16.84 3.41 5.41
CA MET A 102 17.03 4.31 4.26
C MET A 102 18.28 5.21 4.48
N ASN A 103 18.60 5.59 5.75
CA ASN A 103 19.84 6.34 6.01
C ASN A 103 21.05 5.50 5.62
N ALA A 104 21.00 4.21 5.94
CA ALA A 104 22.14 3.29 5.61
C ALA A 104 22.35 3.18 4.09
N LEU A 105 21.26 3.26 3.33
CA LEU A 105 21.31 3.15 1.83
C LEU A 105 21.62 4.52 1.21
N ARG A 106 21.69 5.55 2.07
CA ARG A 106 22.01 6.90 1.60
C ARG A 106 21.02 7.34 0.48
N TYR A 107 19.70 7.18 0.71
CA TYR A 107 18.69 7.82 -0.16
C TYR A 107 18.95 9.32 -0.21
N ASP A 108 18.74 9.87 -1.39
CA ASP A 108 18.86 11.31 -1.62
C ASP A 108 17.56 12.10 -1.34
N ALA A 109 16.40 11.52 -1.52
CA ALA A 109 15.12 12.23 -1.19
C ALA A 109 14.03 11.21 -1.16
N MET A 110 12.91 11.54 -0.49
CA MET A 110 11.75 10.62 -0.42
C MET A 110 10.53 11.51 -0.48
N ALA A 111 9.52 11.09 -1.21
CA ALA A 111 8.16 11.75 -1.17
C ALA A 111 7.31 11.06 -0.11
N LEU A 112 6.41 11.83 0.55
CA LEU A 112 5.47 11.20 1.52
C LEU A 112 4.38 10.43 0.73
N GLY A 113 4.10 9.18 1.15
CA GLY A 113 2.99 8.37 0.60
C GLY A 113 1.80 8.44 1.62
N ASN A 114 0.68 7.84 1.23
CA ASN A 114 -0.50 7.79 2.08
C ASN A 114 -0.16 7.01 3.34
N HIS A 115 0.61 5.88 3.23
CA HIS A 115 0.79 5.05 4.46
C HIS A 115 1.75 5.68 5.45
N GLU A 116 2.52 6.72 5.06
CA GLU A 116 3.28 7.46 6.03
C GLU A 116 2.40 8.14 7.13
N PHE A 117 1.07 8.18 6.90
CA PHE A 117 0.16 8.77 7.88
C PHE A 117 -0.57 7.72 8.72
N ASP A 118 -0.24 6.42 8.58
CA ASP A 118 -0.98 5.35 9.24
C ASP A 118 -0.99 5.49 10.76
N ASN A 119 0.09 6.01 11.35
CA ASN A 119 0.12 6.25 12.83
C ASN A 119 -0.08 7.71 13.13
N GLY A 120 -0.83 8.41 12.26
CA GLY A 120 -1.05 9.87 12.46
C GLY A 120 0.15 10.75 12.18
N VAL A 121 -0.04 12.05 12.32
CA VAL A 121 1.04 13.00 12.13
C VAL A 121 2.15 12.75 13.15
N GLU A 122 1.77 12.41 14.40
CA GLU A 122 2.80 12.19 15.41
C GLU A 122 3.66 11.00 15.03
N GLY A 123 3.05 10.00 14.37
CA GLY A 123 3.79 8.75 14.05
C GLY A 123 4.64 8.92 12.80
N LEU A 124 4.53 10.10 12.16
CA LEU A 124 5.36 10.51 10.99
C LEU A 124 6.51 11.43 11.47
N ILE A 125 6.18 12.45 12.26
CA ILE A 125 7.18 13.38 12.74
C ILE A 125 8.28 12.65 13.49
N GLU A 126 7.95 11.83 14.49
N GLU A 126 7.84 11.72 14.35
CA GLU A 126 8.99 11.44 15.46
CA GLU A 126 8.72 10.82 15.06
C GLU A 126 9.93 10.34 14.95
C GLU A 126 8.34 9.36 14.90
N PRO A 127 9.34 9.26 14.38
N PRO A 127 9.04 8.68 14.00
CA PRO A 127 10.19 8.16 13.90
CA PRO A 127 10.47 8.38 14.01
C PRO A 127 10.87 8.47 12.58
C PRO A 127 10.99 9.18 12.79
N LEU A 128 10.20 9.23 11.71
CA LEU A 128 10.79 9.39 10.34
C LEU A 128 11.31 10.80 10.03
N LEU A 129 10.44 11.83 10.21
CA LEU A 129 10.89 13.13 9.77
C LEU A 129 12.10 13.63 10.59
N LYS A 130 12.13 13.29 11.88
CA LYS A 130 13.20 13.84 12.73
C LYS A 130 14.51 12.99 12.62
N GLU A 131 14.38 11.76 12.12
CA GLU A 131 15.57 10.90 12.03
C GLU A 131 16.16 10.71 10.61
N ALA A 132 15.37 10.93 9.56
CA ALA A 132 15.89 10.83 8.18
C ALA A 132 17.03 11.81 7.97
N LYS A 133 18.07 11.36 7.26
CA LYS A 133 19.17 12.24 6.90
C LYS A 133 19.00 12.77 5.49
N PHE A 134 17.84 12.64 4.91
CA PHE A 134 17.63 13.08 3.53
C PHE A 134 16.32 13.88 3.62
N PRO A 135 16.05 14.74 2.64
CA PRO A 135 14.82 15.52 2.66
C PRO A 135 13.61 14.70 2.33
N ILE A 136 12.47 15.01 2.98
CA ILE A 136 11.24 14.28 2.79
C ILE A 136 10.25 15.28 2.27
N LEU A 137 9.62 14.95 1.13
CA LEU A 137 8.95 16.02 0.33
C LEU A 137 7.49 15.81 0.06
N SER A 138 6.76 16.94 0.08
CA SER A 138 5.38 16.97 -0.47
C SER A 138 4.97 18.45 -0.61
N ALA A 139 4.74 18.88 -1.85
CA ALA A 139 4.28 20.27 -2.08
C ALA A 139 2.84 20.50 -1.89
N ASN A 140 2.01 19.47 -1.81
CA ASN A 140 0.55 19.69 -1.80
C ASN A 140 -0.10 19.37 -0.44
N ILE A 141 0.73 19.22 0.58
CA ILE A 141 0.19 19.06 1.93
C ILE A 141 0.43 20.33 2.72
N LYS A 142 -0.65 20.98 3.19
CA LYS A 142 -0.58 22.26 3.98
C LYS A 142 -1.03 22.02 5.41
N ALA A 143 -0.22 22.47 6.39
CA ALA A 143 -0.58 22.29 7.82
C ALA A 143 -1.30 23.50 8.34
N LYS A 144 -2.24 23.28 9.24
CA LYS A 144 -3.00 24.36 9.81
C LYS A 144 -3.05 24.22 11.33
N GLY A 145 -3.54 25.26 11.98
CA GLY A 145 -3.65 25.19 13.44
C GLY A 145 -2.25 25.12 14.09
N PRO A 146 -2.20 24.71 15.38
CA PRO A 146 -0.90 24.59 16.06
C PRO A 146 0.07 23.64 15.35
N LEU A 147 -0.42 22.76 14.49
CA LEU A 147 0.46 21.78 13.83
C LEU A 147 1.36 22.51 12.88
N ALA A 148 0.88 23.57 12.25
CA ALA A 148 1.74 24.26 11.25
C ALA A 148 3.13 24.64 11.79
N SER A 149 3.19 25.27 12.96
CA SER A 149 4.50 25.63 13.49
C SER A 149 5.26 24.37 14.01
N GLN A 150 4.53 23.33 14.49
CA GLN A 150 5.19 22.13 14.97
C GLN A 150 5.92 21.39 13.83
N ILE A 151 5.35 21.43 12.59
CA ILE A 151 5.84 20.52 11.53
C ILE A 151 6.67 21.32 10.47
N SER A 152 6.67 22.67 10.62
CA SER A 152 7.24 23.51 9.58
C SER A 152 8.69 23.12 9.30
N GLY A 153 9.01 22.82 8.02
CA GLY A 153 10.40 22.51 7.65
C GLY A 153 10.75 21.05 7.83
N LEU A 154 9.89 20.26 8.51
CA LEU A 154 10.24 18.82 8.72
C LEU A 154 9.97 17.98 7.51
N TYR A 155 8.99 18.41 6.70
CA TYR A 155 8.90 17.97 5.30
C TYR A 155 8.89 19.29 4.49
N LEU A 156 9.27 19.20 3.21
CA LEU A 156 9.48 20.38 2.38
C LEU A 156 8.71 20.22 1.08
N PRO A 157 8.31 21.32 0.42
CA PRO A 157 7.71 21.15 -0.89
C PRO A 157 8.69 20.61 -1.97
N TYR A 158 9.98 20.95 -1.82
CA TYR A 158 11.00 20.56 -2.80
C TYR A 158 12.34 20.67 -2.14
N LYS A 159 13.35 20.05 -2.76
CA LYS A 159 14.74 20.29 -2.37
C LYS A 159 15.57 20.38 -3.66
N VAL A 160 16.46 21.33 -3.70
CA VAL A 160 17.45 21.46 -4.78
C VAL A 160 18.71 20.74 -4.33
N LEU A 161 19.08 19.68 -5.07
CA LEU A 161 20.27 18.92 -4.67
C LEU A 161 21.45 19.14 -5.62
N PRO A 162 22.67 19.27 -5.08
CA PRO A 162 23.83 19.31 -5.98
C PRO A 162 24.14 17.87 -6.46
N VAL A 163 24.44 17.75 -7.73
CA VAL A 163 24.82 16.49 -8.33
C VAL A 163 25.98 16.87 -9.25
N GLY A 164 27.19 16.53 -8.88
CA GLY A 164 28.34 16.91 -9.67
C GLY A 164 28.45 18.41 -9.63
N ASP A 165 28.64 19.00 -10.80
CA ASP A 165 28.75 20.46 -10.97
C ASP A 165 27.39 21.07 -11.25
N GLU A 166 26.34 20.26 -11.21
CA GLU A 166 25.00 20.70 -11.57
C GLU A 166 24.10 20.69 -10.33
N VAL A 167 22.88 21.24 -10.46
CA VAL A 167 21.85 21.10 -9.43
C VAL A 167 20.61 20.48 -10.05
N VAL A 168 19.84 19.75 -9.25
CA VAL A 168 18.59 19.16 -9.72
C VAL A 168 17.54 19.47 -8.66
N GLY A 169 16.43 20.06 -9.09
CA GLY A 169 15.30 20.24 -8.17
C GLY A 169 14.36 19.07 -8.14
N ILE A 170 14.01 18.66 -6.94
CA ILE A 170 13.10 17.54 -6.68
C ILE A 170 11.88 18.11 -6.00
N VAL A 171 10.72 18.01 -6.66
CA VAL A 171 9.48 18.57 -6.08
CA VAL A 171 9.49 18.57 -6.11
C VAL A 171 8.54 17.41 -5.77
N GLY A 172 7.99 17.41 -4.56
CA GLY A 172 7.21 16.26 -4.05
C GLY A 172 5.72 16.41 -4.15
N TYR A 173 4.99 15.30 -4.11
CA TYR A 173 3.50 15.34 -4.05
C TYR A 173 2.96 14.07 -3.46
N THR A 174 1.75 14.18 -2.90
CA THR A 174 1.09 13.09 -2.17
C THR A 174 -0.35 12.96 -2.52
N SER A 175 -0.86 11.75 -2.64
CA SER A 175 -2.26 11.54 -3.05
C SER A 175 -3.25 12.44 -2.27
N LYS A 176 -4.13 13.13 -3.01
CA LYS A 176 -5.19 13.89 -2.41
C LYS A 176 -6.15 12.99 -1.65
N GLU A 177 -6.15 11.66 -1.93
CA GLU A 177 -7.08 10.73 -1.28
C GLU A 177 -6.59 10.24 0.08
N THR A 178 -5.38 10.67 0.47
CA THR A 178 -4.79 10.25 1.75
C THR A 178 -5.76 10.26 2.95
N PRO A 179 -6.60 11.30 3.13
CA PRO A 179 -7.54 11.26 4.30
C PRO A 179 -8.49 10.03 4.29
N PHE A 180 -8.78 9.40 3.12
CA PHE A 180 -9.70 8.23 3.00
C PHE A 180 -8.95 6.92 3.15
N LEU A 181 -7.61 7.02 3.09
CA LEU A 181 -6.75 5.82 3.06
C LEU A 181 -5.90 5.62 4.32
N SER A 182 -5.72 6.66 5.10
CA SER A 182 -4.77 6.65 6.19
C SER A 182 -5.30 7.59 7.26
N ASN A 183 -4.47 7.98 8.23
CA ASN A 183 -4.95 8.76 9.44
C ASN A 183 -4.18 10.06 9.59
N PRO A 184 -4.26 10.96 8.56
CA PRO A 184 -3.52 12.21 8.66
C PRO A 184 -4.10 13.27 9.61
N GLY A 185 -5.27 13.01 10.19
CA GLY A 185 -5.81 14.01 11.12
C GLY A 185 -6.53 15.08 10.35
N THR A 186 -7.01 16.04 11.09
CA THR A 186 -7.82 17.09 10.47
C THR A 186 -7.05 18.42 10.33
N ASN A 187 -5.79 18.46 10.76
CA ASN A 187 -4.98 19.67 10.59
C ASN A 187 -4.01 19.68 9.41
N LEU A 188 -4.18 18.70 8.51
CA LEU A 188 -3.43 18.69 7.26
C LEU A 188 -4.47 18.80 6.16
N VAL A 189 -4.17 19.62 5.18
CA VAL A 189 -5.03 19.73 4.01
C VAL A 189 -4.26 19.18 2.79
N PHE A 190 -4.86 18.26 2.03
CA PHE A 190 -4.23 17.68 0.80
C PHE A 190 -4.84 18.39 -0.41
N GLU A 191 -4.01 19.21 -1.02
CA GLU A 191 -4.40 20.03 -2.15
C GLU A 191 -4.26 19.32 -3.46
N ASP A 192 -4.95 19.81 -4.49
CA ASP A 192 -4.73 19.30 -5.85
C ASP A 192 -3.24 19.34 -6.21
N GLU A 193 -2.70 18.18 -6.67
CA GLU A 193 -1.28 18.10 -6.98
C GLU A 193 -0.79 19.10 -8.02
N ILE A 194 -1.51 19.16 -9.15
CA ILE A 194 -1.06 20.03 -10.29
C ILE A 194 -1.05 21.50 -9.87
N THR A 195 -2.10 21.92 -9.16
CA THR A 195 -2.21 23.30 -8.63
C THR A 195 -1.10 23.66 -7.70
N ALA A 196 -0.73 22.70 -6.82
CA ALA A 196 0.34 22.91 -5.86
C ALA A 196 1.75 22.88 -6.52
N LEU A 197 1.91 21.96 -7.47
CA LEU A 197 3.18 21.80 -8.08
C LEU A 197 3.65 22.96 -8.98
N GLN A 198 2.71 23.46 -9.81
CA GLN A 198 3.11 24.40 -10.84
C GLN A 198 3.93 25.62 -10.32
N PRO A 199 3.44 26.32 -9.26
CA PRO A 199 4.20 27.50 -8.81
C PRO A 199 5.56 27.16 -8.22
N GLU A 200 5.68 25.98 -7.60
CA GLU A 200 7.01 25.59 -7.08
C GLU A 200 7.98 25.38 -8.24
N VAL A 201 7.53 24.66 -9.28
CA VAL A 201 8.37 24.42 -10.51
C VAL A 201 8.68 25.74 -11.19
N ASP A 202 7.65 26.62 -11.38
CA ASP A 202 7.79 28.03 -11.85
CA ASP A 202 7.99 27.90 -11.96
C ASP A 202 8.97 28.68 -11.08
N LYS A 203 8.89 28.63 -9.75
CA LYS A 203 9.86 29.37 -8.91
C LYS A 203 11.29 28.82 -9.09
N LEU A 204 11.40 27.51 -9.10
CA LEU A 204 12.75 26.91 -9.27
C LEU A 204 13.41 27.34 -10.57
N LYS A 205 12.60 27.42 -11.64
CA LYS A 205 13.08 27.85 -12.94
C LYS A 205 13.59 29.29 -12.85
N THR A 206 12.90 30.14 -12.10
CA THR A 206 13.39 31.54 -11.92
C THR A 206 14.68 31.60 -11.10
N LEU A 207 14.95 30.57 -10.33
CA LEU A 207 16.14 30.51 -9.51
C LEU A 207 17.25 29.73 -10.17
N ASN A 208 17.14 29.55 -11.49
CA ASN A 208 18.15 28.88 -12.38
C ASN A 208 18.40 27.42 -12.04
N VAL A 209 17.34 26.76 -11.62
CA VAL A 209 17.31 25.32 -11.51
C VAL A 209 16.59 24.81 -12.76
N ASN A 210 17.37 24.27 -13.71
CA ASN A 210 16.86 23.96 -15.04
C ASN A 210 16.58 22.47 -15.25
N LYS A 211 16.76 21.63 -14.19
CA LYS A 211 16.54 20.16 -14.24
C LYS A 211 15.60 19.88 -13.04
N ILE A 212 14.42 19.37 -13.36
CA ILE A 212 13.35 19.21 -12.38
C ILE A 212 12.78 17.78 -12.43
N ILE A 213 12.82 17.10 -11.26
CA ILE A 213 12.19 15.80 -11.13
C ILE A 213 10.96 15.96 -10.22
N ALA A 214 9.77 15.51 -10.70
CA ALA A 214 8.59 15.46 -9.83
C ALA A 214 8.62 14.04 -9.23
N LEU A 215 8.67 13.97 -7.91
CA LEU A 215 8.79 12.69 -7.13
C LEU A 215 7.58 12.64 -6.21
N GLY A 216 6.71 11.65 -6.42
CA GLY A 216 5.46 11.68 -5.59
C GLY A 216 4.61 10.48 -5.67
N HIS A 217 3.51 10.53 -4.93
CA HIS A 217 2.83 9.33 -4.52
C HIS A 217 1.28 9.50 -4.73
N SER A 218 0.83 9.53 -5.99
CA SER A 218 -0.57 9.71 -6.39
C SER A 218 -1.04 8.66 -7.34
N GLY A 219 -0.13 7.78 -7.86
CA GLY A 219 -0.59 6.78 -8.81
C GLY A 219 -0.25 7.15 -10.27
N PHE A 220 -0.05 6.12 -11.09
CA PHE A 220 0.35 6.30 -12.47
C PHE A 220 -0.55 7.27 -13.28
N GLU A 221 -1.88 7.22 -13.08
CA GLU A 221 -2.77 8.11 -13.87
C GLU A 221 -2.48 9.55 -13.51
N MET A 222 -2.31 9.86 -12.24
CA MET A 222 -1.95 11.23 -11.87
C MET A 222 -0.53 11.59 -12.31
N ASP A 223 0.41 10.62 -12.23
CA ASP A 223 1.73 10.90 -12.70
C ASP A 223 1.70 11.33 -14.16
N LYS A 224 0.92 10.63 -14.97
CA LYS A 224 0.87 10.99 -16.41
C LYS A 224 0.25 12.47 -16.58
N LEU A 225 -0.76 12.80 -15.75
CA LEU A 225 -1.38 14.17 -15.82
C LEU A 225 -0.33 15.21 -15.42
N ILE A 226 0.46 14.92 -14.37
CA ILE A 226 1.54 15.83 -13.93
C ILE A 226 2.54 15.99 -15.09
N ALA A 227 2.97 14.86 -15.73
CA ALA A 227 3.88 15.00 -16.84
C ALA A 227 3.36 15.86 -17.98
N GLN A 228 2.06 15.75 -18.20
CA GLN A 228 1.45 16.46 -19.30
C GLN A 228 1.23 17.94 -18.99
N LYS A 229 0.92 18.27 -17.75
CA LYS A 229 0.37 19.59 -17.50
C LYS A 229 1.29 20.49 -16.66
N VAL A 230 2.22 19.91 -15.87
CA VAL A 230 3.09 20.74 -15.05
C VAL A 230 4.29 21.17 -15.90
N ARG A 231 4.22 22.40 -16.41
CA ARG A 231 5.26 22.93 -17.33
C ARG A 231 6.59 22.98 -16.59
N GLY A 232 7.63 22.47 -17.23
CA GLY A 232 9.02 22.47 -16.67
C GLY A 232 9.44 21.19 -15.98
N VAL A 233 8.50 20.27 -15.77
CA VAL A 233 8.88 18.97 -15.14
C VAL A 233 9.61 18.19 -16.25
N ASP A 234 10.78 17.61 -15.90
CA ASP A 234 11.56 16.88 -16.89
C ASP A 234 11.32 15.38 -16.80
N VAL A 235 11.06 14.90 -15.58
CA VAL A 235 10.89 13.42 -15.34
C VAL A 235 9.89 13.30 -14.20
N VAL A 236 9.00 12.31 -14.25
CA VAL A 236 8.13 12.03 -13.12
C VAL A 236 8.49 10.65 -12.56
N VAL A 237 8.70 10.57 -11.22
CA VAL A 237 9.05 9.28 -10.54
C VAL A 237 7.88 9.05 -9.55
N GLY A 238 7.08 8.03 -9.78
CA GLY A 238 5.83 7.90 -9.05
C GLY A 238 5.69 6.59 -8.29
N GLY A 239 4.50 6.35 -7.79
CA GLY A 239 4.24 5.27 -6.86
C GLY A 239 2.77 5.09 -6.70
N HIS A 240 2.41 4.45 -5.58
CA HIS A 240 1.01 4.31 -5.07
C HIS A 240 0.15 3.26 -5.79
N SER A 241 0.27 3.16 -7.14
CA SER A 241 -0.53 2.22 -7.92
C SER A 241 0.20 0.88 -8.13
N ASN A 242 1.42 0.76 -7.61
CA ASN A 242 2.25 -0.48 -7.72
C ASN A 242 2.39 -0.81 -9.20
N THR A 243 2.60 0.22 -10.01
CA THR A 243 2.60 0.04 -11.46
C THR A 243 3.96 -0.54 -11.90
N PHE A 244 3.90 -1.61 -12.71
CA PHE A 244 5.16 -2.18 -13.23
C PHE A 244 5.24 -1.75 -14.71
N LEU A 245 6.34 -1.07 -15.06
CA LEU A 245 6.61 -0.65 -16.44
C LEU A 245 7.88 -1.40 -16.88
N TYR A 246 7.93 -1.81 -18.14
CA TYR A 246 9.10 -2.56 -18.60
C TYR A 246 9.19 -2.43 -20.10
N THR A 247 10.43 -2.29 -20.61
CA THR A 247 10.69 -2.26 -22.06
C THR A 247 11.41 -3.55 -22.39
N GLY A 248 10.64 -4.42 -23.02
CA GLY A 248 11.20 -5.75 -23.50
C GLY A 248 10.48 -6.89 -22.81
N ASN A 249 11.03 -8.09 -22.89
CA ASN A 249 10.46 -9.20 -22.19
C ASN A 249 10.74 -9.06 -20.68
N PRO A 250 9.67 -9.10 -19.82
CA PRO A 250 9.85 -8.87 -18.39
C PRO A 250 10.59 -10.05 -17.68
N PRO A 251 11.22 -9.79 -16.52
CA PRO A 251 12.14 -10.73 -15.92
C PRO A 251 11.48 -11.66 -14.90
N SER A 252 10.19 -11.43 -14.59
CA SER A 252 9.51 -12.19 -13.53
C SER A 252 8.00 -12.29 -13.86
N LYS A 253 7.14 -12.39 -12.85
CA LYS A 253 5.70 -12.64 -13.06
C LYS A 253 4.89 -11.37 -13.24
N GLU A 254 5.45 -10.20 -12.90
CA GLU A 254 4.66 -8.95 -13.02
C GLU A 254 4.47 -8.65 -14.49
N VAL A 255 3.26 -8.25 -14.87
CA VAL A 255 2.91 -7.97 -16.28
C VAL A 255 3.01 -6.47 -16.48
N PRO A 256 3.83 -6.02 -17.43
CA PRO A 256 4.00 -4.53 -17.61
C PRO A 256 2.73 -3.83 -18.09
N ALA A 257 2.48 -2.68 -17.48
CA ALA A 257 1.32 -1.82 -17.81
C ALA A 257 1.64 -0.95 -19.03
N GLY A 258 2.92 -0.87 -19.39
CA GLY A 258 3.43 0.05 -20.45
C GLY A 258 4.95 -0.11 -20.44
N LYS A 259 5.61 0.57 -21.40
CA LYS A 259 7.06 0.68 -21.51
C LYS A 259 7.68 1.48 -20.36
N TYR A 260 8.97 1.23 -20.13
CA TYR A 260 9.75 1.96 -19.16
C TYR A 260 10.85 2.70 -19.93
N PRO A 261 10.94 4.03 -19.79
CA PRO A 261 9.94 4.89 -19.14
C PRO A 261 8.72 4.94 -20.05
N PHE A 262 7.62 5.43 -19.46
CA PHE A 262 6.39 5.66 -20.16
C PHE A 262 6.43 7.15 -20.60
N ILE A 263 6.39 7.42 -21.91
CA ILE A 263 6.60 8.79 -22.40
C ILE A 263 5.28 9.53 -22.61
N VAL A 264 5.18 10.67 -21.93
CA VAL A 264 3.97 11.54 -22.05
C VAL A 264 4.42 12.74 -22.90
N THR A 265 3.58 13.16 -23.84
CA THR A 265 3.88 14.38 -24.59
C THR A 265 3.22 15.49 -23.77
N SER A 266 4.06 16.41 -23.29
CA SER A 266 3.52 17.49 -22.46
C SER A 266 2.78 18.54 -23.29
N ASP A 267 1.98 19.36 -22.57
CA ASP A 267 1.31 20.48 -23.18
C ASP A 267 2.24 21.48 -23.85
N ASP A 268 3.47 21.59 -23.37
CA ASP A 268 4.42 22.47 -23.99
C ASP A 268 5.26 21.79 -25.07
N GLY A 269 4.92 20.55 -25.40
CA GLY A 269 5.45 19.84 -26.55
C GLY A 269 6.63 18.90 -26.33
N ARG A 270 7.09 18.81 -25.09
CA ARG A 270 8.26 18.00 -24.71
C ARG A 270 7.87 16.55 -24.48
N LYS A 271 8.86 15.67 -24.59
CA LYS A 271 8.61 14.29 -24.23
C LYS A 271 9.07 14.12 -22.75
N VAL A 272 8.18 13.66 -21.85
CA VAL A 272 8.46 13.59 -20.45
C VAL A 272 8.33 12.11 -20.02
N PRO A 273 9.47 11.52 -19.60
CA PRO A 273 9.43 10.13 -19.07
C PRO A 273 8.78 10.03 -17.72
N VAL A 274 7.93 9.03 -17.60
CA VAL A 274 7.25 8.73 -16.33
C VAL A 274 7.73 7.34 -15.96
N VAL A 275 8.10 7.15 -14.68
CA VAL A 275 8.59 5.79 -14.23
C VAL A 275 7.93 5.43 -12.89
N GLN A 276 7.90 4.13 -12.63
CA GLN A 276 7.45 3.54 -11.39
C GLN A 276 8.15 2.21 -11.34
N ALA A 277 8.15 1.55 -10.19
CA ALA A 277 8.97 0.29 -10.06
C ALA A 277 8.21 -0.71 -9.16
N TYR A 278 6.94 -0.97 -9.50
CA TYR A 278 6.13 -1.99 -8.83
C TYR A 278 6.04 -1.70 -7.34
N ALA A 279 6.49 -2.60 -6.45
CA ALA A 279 6.29 -2.47 -5.02
C ALA A 279 7.15 -3.49 -4.31
N PHE A 280 7.20 -3.40 -3.01
CA PHE A 280 7.74 -4.46 -2.11
C PHE A 280 9.23 -4.63 -2.20
N GLY A 281 9.94 -3.70 -2.84
CA GLY A 281 11.42 -3.79 -2.84
C GLY A 281 11.91 -4.87 -3.79
N LYS A 282 11.02 -5.38 -4.65
CA LYS A 282 11.40 -6.50 -5.58
C LYS A 282 12.33 -5.98 -6.69
N TYR A 283 12.10 -4.75 -7.17
CA TYR A 283 12.87 -4.15 -8.25
C TYR A 283 13.49 -2.86 -7.81
N LEU A 284 14.64 -2.51 -8.36
CA LEU A 284 15.23 -1.19 -8.29
C LEU A 284 15.02 -0.44 -9.63
N GLY A 285 14.18 0.62 -9.64
CA GLY A 285 14.04 1.40 -10.88
C GLY A 285 15.41 1.97 -11.26
N TYR A 286 15.65 2.06 -12.56
CA TYR A 286 16.92 2.59 -13.07
C TYR A 286 16.66 3.30 -14.39
N LEU A 287 16.78 4.64 -14.39
CA LEU A 287 16.53 5.44 -15.56
C LEU A 287 17.71 6.34 -15.83
N LYS A 288 18.31 6.22 -17.05
CA LYS A 288 19.35 7.13 -17.50
C LYS A 288 18.80 8.23 -18.39
N ILE A 289 19.13 9.45 -17.98
CA ILE A 289 18.63 10.67 -18.64
C ILE A 289 19.83 11.47 -19.11
N GLU A 290 19.84 11.84 -20.40
CA GLU A 290 20.80 12.87 -20.86
C GLU A 290 20.10 14.21 -20.98
N PHE A 291 20.72 15.27 -20.46
CA PHE A 291 20.20 16.60 -20.54
C PHE A 291 21.16 17.46 -21.37
N ASP A 292 20.58 18.40 -22.12
CA ASP A 292 21.43 19.39 -22.77
C ASP A 292 21.77 20.47 -21.72
N GLU A 293 22.54 21.48 -22.17
CA GLU A 293 23.10 22.49 -21.25
C GLU A 293 22.02 23.40 -20.62
N ARG A 294 20.85 23.44 -21.26
CA ARG A 294 19.74 24.23 -20.80
C ARG A 294 18.77 23.38 -19.93
N GLY A 295 19.17 22.14 -19.60
CA GLY A 295 18.38 21.25 -18.77
C GLY A 295 17.24 20.54 -19.51
N ASN A 296 17.25 20.53 -20.83
CA ASN A 296 16.24 19.76 -21.59
C ASN A 296 16.62 18.29 -21.72
N VAL A 297 15.66 17.39 -21.53
CA VAL A 297 15.91 15.96 -21.73
C VAL A 297 16.11 15.67 -23.21
N ILE A 298 17.30 15.15 -23.58
CA ILE A 298 17.52 14.75 -24.96
C ILE A 298 17.40 13.27 -25.17
N SER A 299 17.51 12.47 -24.07
CA SER A 299 17.21 11.04 -24.18
C SER A 299 16.88 10.46 -22.83
N SER A 300 16.21 9.29 -22.84
CA SER A 300 15.88 8.61 -21.60
C SER A 300 15.83 7.14 -21.92
N HIS A 301 16.47 6.31 -21.08
CA HIS A 301 16.37 4.86 -21.32
C HIS A 301 16.62 4.18 -19.96
N GLY A 302 16.05 2.99 -19.82
CA GLY A 302 16.29 2.21 -18.64
C GLY A 302 15.36 1.08 -18.48
N ASN A 303 15.29 0.56 -17.25
CA ASN A 303 14.39 -0.55 -16.92
C ASN A 303 14.59 -0.85 -15.45
N PRO A 304 13.51 -1.29 -14.77
CA PRO A 304 13.75 -1.75 -13.39
C PRO A 304 14.63 -3.01 -13.40
N ILE A 305 15.43 -3.15 -12.37
CA ILE A 305 16.35 -4.31 -12.20
C ILE A 305 15.71 -5.22 -11.18
N LEU A 306 15.49 -6.50 -11.55
CA LEU A 306 14.92 -7.48 -10.63
C LEU A 306 15.97 -7.78 -9.58
N LEU A 307 15.67 -7.61 -8.29
CA LEU A 307 16.65 -7.87 -7.26
C LEU A 307 16.59 -9.36 -6.87
N ASP A 308 17.11 -10.22 -7.75
CA ASP A 308 17.01 -11.64 -7.48
C ASP A 308 18.28 -12.19 -6.78
N SER A 309 18.25 -13.50 -6.55
CA SER A 309 19.28 -14.07 -5.71
C SER A 309 20.67 -14.07 -6.31
N SER A 310 20.80 -13.78 -7.61
CA SER A 310 22.14 -13.63 -8.17
C SER A 310 22.87 -12.42 -7.56
N ILE A 311 22.13 -11.44 -6.99
CA ILE A 311 22.80 -10.31 -6.40
C ILE A 311 23.00 -10.60 -4.91
N PRO A 312 24.24 -10.59 -4.40
CA PRO A 312 24.40 -10.92 -2.95
C PRO A 312 23.80 -9.90 -2.00
N GLU A 313 23.31 -10.38 -0.87
CA GLU A 313 22.91 -9.49 0.22
C GLU A 313 24.17 -8.94 0.81
N ASP A 314 24.21 -7.61 0.99
CA ASP A 314 25.38 -7.01 1.61
C ASP A 314 25.51 -7.58 3.05
N PRO A 315 26.68 -8.16 3.40
CA PRO A 315 26.84 -8.78 4.72
C PRO A 315 26.64 -7.86 5.91
N SER A 316 27.05 -6.58 5.82
CA SER A 316 26.92 -5.66 6.96
C SER A 316 25.47 -5.26 7.13
N ILE A 317 24.78 -4.90 6.06
CA ILE A 317 23.35 -4.55 6.17
C ILE A 317 22.59 -5.79 6.70
N LYS A 318 22.91 -6.95 6.15
CA LYS A 318 22.22 -8.17 6.54
C LYS A 318 22.44 -8.48 8.01
N ALA A 319 23.66 -8.32 8.52
CA ALA A 319 23.86 -8.47 9.96
C ALA A 319 23.06 -7.50 10.83
N ASP A 320 22.96 -6.25 10.40
CA ASP A 320 22.19 -5.24 11.06
C ASP A 320 20.70 -5.64 11.08
N ILE A 321 20.20 -6.06 9.92
CA ILE A 321 18.84 -6.59 9.80
C ILE A 321 18.67 -7.73 10.84
N ASN A 322 19.63 -8.70 10.88
CA ASN A 322 19.52 -9.83 11.84
C ASN A 322 19.42 -9.34 13.31
N LYS A 323 20.19 -8.31 13.63
CA LYS A 323 20.17 -7.78 14.97
C LYS A 323 18.80 -7.14 15.29
N TRP A 324 18.27 -6.31 14.38
CA TRP A 324 16.93 -5.70 14.57
C TRP A 324 15.85 -6.76 14.64
N ARG A 325 16.07 -7.91 13.98
CA ARG A 325 15.07 -9.00 13.96
C ARG A 325 14.84 -9.62 15.34
N ILE A 326 15.80 -9.50 16.28
CA ILE A 326 15.63 -10.14 17.59
C ILE A 326 14.39 -9.64 18.27
N LYS A 327 14.18 -8.31 18.28
CA LYS A 327 13.00 -7.74 18.94
C LYS A 327 11.70 -8.16 18.27
N LEU A 328 11.75 -8.39 16.95
CA LEU A 328 10.59 -8.90 16.22
C LEU A 328 10.24 -10.35 16.64
N ASP A 329 11.28 -11.17 16.75
CA ASP A 329 11.08 -12.54 17.21
C ASP A 329 10.47 -12.53 18.62
N ASP A 330 10.97 -11.65 19.51
CA ASP A 330 10.42 -11.53 20.88
C ASP A 330 8.96 -11.15 20.77
N TYR A 331 8.69 -10.18 19.92
CA TYR A 331 7.32 -9.61 19.82
C TYR A 331 6.29 -10.67 19.40
N SER A 332 6.72 -11.53 18.47
CA SER A 332 5.82 -12.46 17.78
C SER A 332 5.11 -13.41 18.75
N THR A 333 5.70 -13.62 19.93
CA THR A 333 5.08 -14.54 20.94
C THR A 333 4.51 -13.82 22.14
N GLN A 334 4.40 -12.48 22.05
CA GLN A 334 3.94 -11.75 23.20
C GLN A 334 2.40 -11.62 23.13
N GLU A 335 1.76 -11.56 24.28
CA GLU A 335 0.31 -11.47 24.31
C GLU A 335 -0.16 -10.12 23.72
N LEU A 336 -1.04 -10.18 22.71
CA LEU A 336 -1.67 -9.00 22.13
C LEU A 336 -2.97 -8.67 22.87
N GLY A 337 -3.69 -9.70 23.34
CA GLY A 337 -4.98 -9.56 23.98
C GLY A 337 -5.48 -10.98 24.23
N LYS A 338 -6.72 -11.11 24.64
CA LYS A 338 -7.27 -12.39 25.05
C LYS A 338 -8.57 -12.66 24.37
N THR A 339 -8.82 -13.93 24.05
CA THR A 339 -10.20 -14.37 23.67
C THR A 339 -10.83 -15.21 24.78
N ILE A 340 -12.12 -15.02 25.01
CA ILE A 340 -12.83 -15.91 25.93
C ILE A 340 -13.69 -16.91 25.19
N VAL A 341 -13.59 -16.93 23.85
CA VAL A 341 -14.31 -17.84 23.02
C VAL A 341 -13.29 -18.61 22.15
N TYR A 342 -13.72 -19.74 21.62
CA TYR A 342 -12.91 -20.45 20.55
C TYR A 342 -13.04 -19.60 19.29
N LEU A 343 -11.93 -19.34 18.64
CA LEU A 343 -11.92 -18.58 17.40
C LEU A 343 -11.93 -19.58 16.27
N ASP A 344 -13.11 -19.81 15.71
CA ASP A 344 -13.31 -20.93 14.76
C ASP A 344 -12.95 -20.46 13.35
N GLY A 345 -11.69 -20.70 12.99
CA GLY A 345 -11.18 -20.43 11.62
C GLY A 345 -11.00 -21.76 10.89
N SER A 346 -11.76 -22.80 11.26
CA SER A 346 -11.66 -24.12 10.59
C SER A 346 -12.32 -24.05 9.19
N SER A 347 -11.87 -24.83 8.23
CA SER A 347 -12.52 -24.78 6.92
C SER A 347 -13.92 -25.40 6.96
N GLN A 348 -14.14 -26.40 7.84
CA GLN A 348 -15.45 -27.06 7.95
C GLN A 348 -16.52 -26.00 8.36
N SER A 349 -16.09 -24.96 9.09
CA SER A 349 -17.00 -23.86 9.42
C SER A 349 -16.92 -22.76 8.30
N CYS A 350 -15.74 -22.14 8.12
CA CYS A 350 -15.59 -20.92 7.31
C CYS A 350 -15.88 -21.12 5.81
N ARG A 351 -15.85 -22.36 5.28
CA ARG A 351 -16.19 -22.56 3.84
C ARG A 351 -17.63 -23.02 3.64
N PHE A 352 -18.38 -23.12 4.75
CA PHE A 352 -19.77 -23.57 4.72
C PHE A 352 -20.83 -22.70 5.36
N ARG A 353 -20.46 -21.84 6.32
CA ARG A 353 -21.48 -21.07 7.03
C ARG A 353 -20.75 -19.89 7.63
N GLU A 354 -21.51 -19.02 8.28
CA GLU A 354 -20.87 -17.93 9.03
C GLU A 354 -19.98 -18.53 10.10
N CYS A 355 -18.74 -18.04 10.21
CA CYS A 355 -17.83 -18.48 11.26
C CYS A 355 -17.33 -17.32 12.06
N ASN A 356 -17.14 -17.52 13.38
CA ASN A 356 -16.82 -16.35 14.18
C ASN A 356 -15.45 -15.72 13.91
N MET A 357 -14.48 -16.54 13.41
CA MET A 357 -13.23 -15.96 13.04
C MET A 357 -13.42 -15.00 11.83
N GLY A 358 -14.32 -15.36 10.90
CA GLY A 358 -14.59 -14.47 9.74
C GLY A 358 -15.25 -13.16 10.23
N ASN A 359 -16.17 -13.29 11.24
CA ASN A 359 -16.80 -12.04 11.75
C ASN A 359 -15.76 -11.18 12.40
N LEU A 360 -14.83 -11.79 13.17
CA LEU A 360 -13.80 -11.04 13.86
C LEU A 360 -12.93 -10.27 12.88
N ILE A 361 -12.51 -10.99 11.84
CA ILE A 361 -11.59 -10.35 10.90
C ILE A 361 -12.28 -9.21 10.10
N CYS A 362 -13.54 -9.43 9.72
CA CYS A 362 -14.30 -8.36 9.04
C CYS A 362 -14.54 -7.16 9.97
N ASP A 363 -14.76 -7.45 11.23
CA ASP A 363 -14.95 -6.31 12.18
C ASP A 363 -13.66 -5.53 12.35
N ALA A 364 -12.54 -6.26 12.36
CA ALA A 364 -11.21 -5.57 12.42
C ALA A 364 -10.97 -4.74 11.15
N MET A 365 -11.35 -5.32 10.00
CA MET A 365 -11.18 -4.63 8.69
C MET A 365 -11.94 -3.25 8.73
N ILE A 366 -13.20 -3.28 9.21
CA ILE A 366 -13.97 -2.02 9.28
C ILE A 366 -13.34 -1.11 10.30
N ASN A 367 -12.94 -1.61 11.48
CA ASN A 367 -12.38 -0.75 12.49
C ASN A 367 -11.12 0.00 11.97
N ASN A 368 -10.26 -0.72 11.23
CA ASN A 368 -9.05 -0.12 10.65
C ASN A 368 -9.37 0.99 9.61
N ASN A 369 -10.56 0.94 9.06
CA ASN A 369 -10.94 1.85 7.96
C ASN A 369 -11.87 2.98 8.43
N LEU A 370 -11.88 3.17 9.74
CA LEU A 370 -12.60 4.37 10.32
C LEU A 370 -11.71 5.57 9.96
N ARG A 371 -12.27 6.49 9.17
CA ARG A 371 -11.54 7.68 8.75
C ARG A 371 -12.40 8.92 9.05
N HIS A 372 -11.78 10.09 9.13
CA HIS A 372 -12.56 11.29 9.32
CA HIS A 372 -12.60 11.26 9.55
C HIS A 372 -13.73 11.37 8.33
C HIS A 372 -13.62 11.60 8.45
N ALA A 373 -14.92 11.64 8.84
CA ALA A 373 -16.09 11.62 7.90
C ALA A 373 -16.58 12.98 7.46
N ASP A 374 -16.91 13.10 6.16
CA ASP A 374 -17.76 14.19 5.63
CA ASP A 374 -17.68 14.22 5.67
C ASP A 374 -19.05 14.29 6.43
N GLU A 375 -19.72 15.42 6.36
CA GLU A 375 -21.00 15.64 7.06
C GLU A 375 -22.01 14.47 6.95
N MET A 376 -22.17 13.94 5.75
CA MET A 376 -23.26 13.05 5.56
C MET A 376 -23.00 11.63 5.98
N PHE A 377 -21.77 11.28 6.37
CA PHE A 377 -21.44 9.90 6.67
C PHE A 377 -21.09 9.69 8.14
N TRP A 378 -21.45 8.51 8.68
CA TRP A 378 -20.82 8.14 9.96
C TRP A 378 -19.41 7.62 9.73
N ASN A 379 -19.25 6.86 8.63
CA ASN A 379 -17.92 6.52 8.14
C ASN A 379 -18.05 6.24 6.69
N HIS A 380 -16.94 6.38 5.92
CA HIS A 380 -17.09 6.22 4.48
C HIS A 380 -17.29 4.80 4.00
N VAL A 381 -16.96 3.84 4.89
CA VAL A 381 -17.15 2.44 4.49
C VAL A 381 -17.70 1.64 5.69
N SER A 382 -18.57 0.68 5.37
CA SER A 382 -19.26 -0.13 6.43
C SER A 382 -19.21 -1.61 6.06
N MET A 383 -18.79 -1.96 4.82
CA MET A 383 -19.03 -3.30 4.31
C MET A 383 -17.70 -4.03 4.07
N CYS A 384 -17.73 -5.34 4.32
CA CYS A 384 -16.52 -6.15 4.28
C CYS A 384 -16.90 -7.52 3.67
N ILE A 385 -16.06 -8.05 2.77
CA ILE A 385 -16.14 -9.49 2.41
C ILE A 385 -14.75 -10.12 2.51
N LEU A 386 -14.74 -11.42 2.81
CA LEU A 386 -13.47 -12.15 3.11
C LEU A 386 -13.74 -13.57 2.67
N ASN A 387 -12.94 -14.07 1.72
CA ASN A 387 -13.12 -15.48 1.29
C ASN A 387 -12.74 -16.43 2.45
N GLY A 388 -13.54 -17.47 2.68
CA GLY A 388 -13.27 -18.42 3.78
C GLY A 388 -12.00 -19.19 3.51
N GLY A 389 -11.63 -19.38 2.23
CA GLY A 389 -10.31 -20.00 1.94
C GLY A 389 -9.12 -19.18 2.35
N GLY A 390 -9.35 -17.88 2.69
CA GLY A 390 -8.27 -17.00 3.16
C GLY A 390 -8.05 -17.09 4.68
N ILE A 391 -8.93 -17.86 5.36
CA ILE A 391 -8.81 -18.03 6.83
C ILE A 391 -8.18 -19.39 7.02
N ARG A 392 -6.94 -19.42 7.51
CA ARG A 392 -6.18 -20.71 7.36
C ARG A 392 -6.01 -21.52 8.67
N SER A 393 -6.51 -21.00 9.79
CA SER A 393 -6.40 -21.71 11.05
C SER A 393 -7.41 -21.18 12.05
N PRO A 394 -7.89 -22.04 12.99
CA PRO A 394 -8.53 -21.51 14.23
C PRO A 394 -7.48 -20.98 15.16
N ILE A 395 -7.95 -20.36 16.25
CA ILE A 395 -7.13 -20.06 17.44
C ILE A 395 -7.89 -20.64 18.62
N ASP A 396 -7.31 -21.63 19.31
CA ASP A 396 -8.01 -22.20 20.46
CA ASP A 396 -7.91 -22.26 20.51
C ASP A 396 -7.74 -21.39 21.74
N GLU A 397 -8.43 -21.74 22.81
CA GLU A 397 -8.24 -21.13 24.13
C GLU A 397 -7.14 -21.72 25.05
N ARG A 398 -6.11 -22.34 24.47
CA ARG A 398 -4.92 -22.73 25.27
C ARG A 398 -4.23 -21.45 25.86
N ASN A 399 -3.41 -21.62 26.90
CA ASN A 399 -2.77 -20.45 27.58
C ASN A 399 -3.72 -19.35 27.95
N ASP A 400 -4.79 -19.71 28.64
CA ASP A 400 -5.67 -18.69 29.22
C ASP A 400 -6.15 -17.68 28.14
N GLY A 401 -6.44 -18.15 26.93
CA GLY A 401 -6.99 -17.28 25.92
C GLY A 401 -6.04 -16.26 25.29
N THR A 402 -4.73 -16.38 25.55
CA THR A 402 -3.75 -15.44 25.00
C THR A 402 -3.77 -15.57 23.50
N ILE A 403 -3.70 -14.45 22.82
CA ILE A 403 -3.56 -14.40 21.36
C ILE A 403 -2.25 -13.69 21.08
N THR A 404 -1.39 -14.32 20.25
CA THR A 404 -0.08 -13.75 19.85
C THR A 404 -0.06 -13.44 18.34
N TRP A 405 0.90 -12.61 17.93
CA TRP A 405 1.13 -12.33 16.50
C TRP A 405 1.31 -13.69 15.75
N GLU A 406 2.13 -14.59 16.33
CA GLU A 406 2.37 -15.90 15.71
C GLU A 406 1.05 -16.65 15.47
N ASN A 407 0.13 -16.64 16.45
CA ASN A 407 -1.15 -17.21 16.21
C ASN A 407 -1.86 -16.58 15.00
N LEU A 408 -1.86 -15.23 14.94
CA LEU A 408 -2.57 -14.61 13.83
C LEU A 408 -1.91 -14.87 12.46
N ALA A 409 -0.57 -15.05 12.50
CA ALA A 409 0.18 -15.35 11.24
C ALA A 409 -0.22 -16.72 10.73
N ALA A 410 -0.64 -17.64 11.60
CA ALA A 410 -1.17 -18.94 11.09
C ALA A 410 -2.54 -18.79 10.43
N VAL A 411 -3.35 -17.86 10.96
CA VAL A 411 -4.67 -17.63 10.36
C VAL A 411 -4.52 -16.91 8.98
N LEU A 412 -3.58 -15.96 8.89
CA LEU A 412 -3.45 -15.10 7.71
C LEU A 412 -1.99 -15.16 7.29
N PRO A 413 -1.63 -16.23 6.58
CA PRO A 413 -0.22 -16.48 6.30
C PRO A 413 0.29 -16.01 4.94
N PHE A 414 -0.55 -15.36 4.13
CA PHE A 414 -0.20 -15.11 2.75
C PHE A 414 0.46 -13.79 2.46
N GLY A 415 0.63 -12.91 3.46
CA GLY A 415 1.21 -11.59 3.18
C GLY A 415 0.30 -10.68 2.39
N GLY A 416 -0.98 -10.79 2.65
CA GLY A 416 -2.01 -9.96 2.01
C GLY A 416 -2.22 -8.60 2.70
N THR A 417 -3.06 -7.79 2.04
CA THR A 417 -3.51 -6.53 2.66
C THR A 417 -5.02 -6.54 2.55
N PHE A 418 -5.64 -5.66 3.39
CA PHE A 418 -7.12 -5.53 3.32
C PHE A 418 -7.38 -4.17 2.67
N ASP A 419 -7.88 -4.24 1.47
CA ASP A 419 -7.95 -3.13 0.54
C ASP A 419 -9.35 -2.53 0.46
N LEU A 420 -9.42 -1.32 -0.11
CA LEU A 420 -10.68 -0.63 -0.26
C LEU A 420 -11.02 -0.64 -1.75
N VAL A 421 -12.20 -1.12 -2.09
CA VAL A 421 -12.67 -1.11 -3.48
C VAL A 421 -14.02 -0.44 -3.55
N GLN A 422 -14.38 0.01 -4.75
CA GLN A 422 -15.76 0.50 -5.03
C GLN A 422 -16.36 -0.54 -6.02
N LEU A 423 -17.50 -1.08 -5.64
CA LEU A 423 -18.24 -2.13 -6.41
C LEU A 423 -19.68 -1.73 -6.63
N LYS A 424 -20.17 -1.76 -7.87
CA LYS A 424 -21.65 -1.65 -8.09
C LYS A 424 -22.35 -2.75 -7.30
N GLY A 425 -23.55 -2.47 -6.82
CA GLY A 425 -24.36 -3.51 -6.23
C GLY A 425 -24.53 -4.74 -7.13
N SER A 426 -24.67 -4.55 -8.46
CA SER A 426 -24.85 -5.73 -9.35
C SER A 426 -23.59 -6.63 -9.30
N THR A 427 -22.40 -6.02 -9.19
CA THR A 427 -21.14 -6.79 -9.07
C THR A 427 -21.13 -7.57 -7.76
N LEU A 428 -21.52 -6.92 -6.66
CA LEU A 428 -21.52 -7.59 -5.37
CA LEU A 428 -21.59 -7.60 -5.35
C LEU A 428 -22.53 -8.76 -5.39
N LYS A 429 -23.70 -8.58 -6.06
CA LYS A 429 -24.67 -9.66 -6.14
C LYS A 429 -24.01 -10.84 -6.90
N LYS A 430 -23.28 -10.55 -7.98
CA LYS A 430 -22.60 -11.62 -8.70
C LYS A 430 -21.59 -12.33 -7.79
N ALA A 431 -20.87 -11.57 -7.00
CA ALA A 431 -19.84 -12.13 -6.11
C ALA A 431 -20.56 -13.08 -5.12
N PHE A 432 -21.70 -12.66 -4.55
CA PHE A 432 -22.41 -13.57 -3.60
C PHE A 432 -22.98 -14.80 -4.31
N GLU A 433 -23.40 -14.69 -5.57
CA GLU A 433 -23.79 -15.89 -6.32
C GLU A 433 -22.53 -16.77 -6.47
N HIS A 434 -21.39 -16.15 -6.80
CA HIS A 434 -20.17 -16.98 -7.01
C HIS A 434 -19.77 -17.72 -5.68
N SER A 435 -19.93 -17.04 -4.53
CA SER A 435 -19.67 -17.58 -3.19
C SER A 435 -20.28 -18.98 -2.95
N VAL A 436 -21.45 -19.24 -3.56
CA VAL A 436 -22.18 -20.51 -3.39
C VAL A 436 -22.47 -21.27 -4.66
N HIS A 437 -21.80 -20.94 -5.78
CA HIS A 437 -22.18 -21.53 -7.08
C HIS A 437 -21.96 -23.04 -7.14
N ARG A 438 -21.02 -23.54 -6.30
CA ARG A 438 -20.71 -24.95 -6.27
C ARG A 438 -20.67 -25.40 -4.80
N TYR A 439 -21.55 -24.84 -3.97
CA TYR A 439 -21.54 -25.09 -2.55
C TYR A 439 -21.57 -26.56 -2.19
N GLY A 440 -20.84 -26.92 -1.14
CA GLY A 440 -20.82 -28.26 -0.62
C GLY A 440 -19.48 -28.94 -0.80
N GLN A 441 -18.52 -28.28 -1.43
CA GLN A 441 -17.26 -28.95 -1.76
C GLN A 441 -16.07 -28.44 -0.91
N SER A 442 -16.33 -27.55 0.07
CA SER A 442 -15.27 -27.01 0.85
C SER A 442 -14.29 -26.22 -0.01
N THR A 443 -14.85 -25.35 -0.85
CA THR A 443 -14.01 -24.51 -1.73
C THR A 443 -13.86 -23.09 -1.11
N GLY A 444 -12.77 -22.39 -1.48
CA GLY A 444 -12.32 -21.20 -0.81
C GLY A 444 -13.23 -19.97 -1.00
N GLU A 445 -14.08 -19.96 -2.02
CA GLU A 445 -14.78 -18.69 -2.44
C GLU A 445 -15.95 -18.33 -1.53
N PHE A 446 -16.36 -19.22 -0.62
CA PHE A 446 -17.47 -18.90 0.29
C PHE A 446 -17.12 -17.66 1.13
N LEU A 447 -18.00 -16.64 1.11
CA LEU A 447 -17.64 -15.36 1.72
C LEU A 447 -18.11 -15.20 3.18
N GLN A 448 -17.18 -14.82 4.04
CA GLN A 448 -17.49 -14.22 5.37
C GLN A 448 -17.66 -12.70 5.16
N VAL A 449 -18.42 -12.09 6.08
CA VAL A 449 -18.93 -10.71 5.80
C VAL A 449 -18.93 -9.86 7.05
N GLY A 450 -19.01 -8.54 6.80
CA GLY A 450 -19.38 -7.55 7.86
C GLY A 450 -20.15 -6.46 7.18
N GLY A 451 -21.13 -5.91 7.91
CA GLY A 451 -21.94 -4.85 7.38
C GLY A 451 -22.85 -5.31 6.22
N ILE A 452 -23.01 -6.65 6.04
CA ILE A 452 -23.82 -7.21 5.00
C ILE A 452 -24.56 -8.38 5.64
N HIS A 453 -25.84 -8.55 5.28
CA HIS A 453 -26.69 -9.71 5.70
C HIS A 453 -27.20 -10.34 4.43
N VAL A 454 -26.82 -11.63 4.27
CA VAL A 454 -27.16 -12.36 3.05
C VAL A 454 -27.96 -13.59 3.44
N VAL A 455 -28.87 -13.93 2.57
CA VAL A 455 -29.67 -15.14 2.73
C VAL A 455 -29.59 -15.89 1.42
N TYR A 456 -29.18 -17.17 1.52
CA TYR A 456 -29.09 -18.07 0.34
C TYR A 456 -30.24 -19.08 0.32
N ASP A 457 -30.71 -19.47 -0.87
CA ASP A 457 -31.59 -20.62 -1.00
C ASP A 457 -30.87 -21.58 -1.94
N LEU A 458 -30.22 -22.60 -1.35
CA LEU A 458 -29.39 -23.51 -2.11
C LEU A 458 -30.19 -24.48 -3.00
N SER A 459 -31.53 -24.51 -2.84
CA SER A 459 -32.37 -25.28 -3.78
C SER A 459 -32.54 -24.60 -5.14
N ARG A 460 -32.17 -23.32 -5.24
CA ARG A 460 -32.31 -22.60 -6.53
C ARG A 460 -31.11 -22.96 -7.40
N LYS A 461 -31.19 -22.71 -8.72
CA LYS A 461 -30.08 -22.96 -9.64
C LYS A 461 -28.83 -22.12 -9.27
N PRO A 462 -27.60 -22.64 -9.53
CA PRO A 462 -26.45 -21.74 -9.39
C PRO A 462 -26.66 -20.44 -10.15
N GLY A 463 -26.25 -19.34 -9.53
CA GLY A 463 -26.40 -18.00 -10.09
C GLY A 463 -27.74 -17.37 -9.74
N ASP A 464 -28.59 -18.13 -9.07
CA ASP A 464 -29.89 -17.59 -8.65
C ASP A 464 -30.16 -17.96 -7.19
N ARG A 465 -29.10 -18.13 -6.41
CA ARG A 465 -29.24 -18.60 -5.02
C ARG A 465 -29.35 -17.50 -3.95
N VAL A 466 -29.02 -16.25 -4.32
CA VAL A 466 -29.04 -15.14 -3.34
C VAL A 466 -30.47 -14.65 -3.33
N VAL A 467 -31.12 -14.84 -2.17
CA VAL A 467 -32.54 -14.40 -2.06
C VAL A 467 -32.76 -13.11 -1.26
N LYS A 468 -31.77 -12.68 -0.52
CA LYS A 468 -31.82 -11.38 0.23
C LYS A 468 -30.41 -10.94 0.47
N LEU A 469 -30.17 -9.65 0.27
CA LEU A 469 -28.88 -9.11 0.44
C LEU A 469 -29.11 -7.69 0.91
N ASP A 470 -28.85 -7.46 2.22
CA ASP A 470 -29.00 -6.12 2.85
C ASP A 470 -27.63 -5.63 3.25
N VAL A 471 -27.46 -4.30 3.24
CA VAL A 471 -26.19 -3.70 3.48
C VAL A 471 -26.32 -2.55 4.48
N LEU A 472 -25.25 -2.36 5.27
CA LEU A 472 -25.27 -1.30 6.32
C LEU A 472 -25.02 0.03 5.64
N CYS A 473 -25.90 1.02 5.88
CA CYS A 473 -25.70 2.36 5.30
C CYS A 473 -24.44 3.03 5.84
N THR A 474 -23.92 3.94 5.04
CA THR A 474 -22.80 4.82 5.43
C THR A 474 -23.24 6.30 5.53
N ALA A 475 -24.09 6.75 4.58
CA ALA A 475 -24.57 8.17 4.52
C ALA A 475 -25.83 8.20 5.36
N CYS A 476 -25.64 7.95 6.64
CA CYS A 476 -26.73 7.94 7.60
C CYS A 476 -26.18 8.27 8.97
N ALA A 477 -27.03 8.86 9.84
CA ALA A 477 -26.58 9.18 11.22
C ALA A 477 -26.58 7.95 12.13
N VAL A 478 -27.51 7.03 11.85
CA VAL A 478 -27.65 5.76 12.64
C VAL A 478 -27.41 4.61 11.65
N PRO A 479 -26.33 3.84 11.83
CA PRO A 479 -26.12 2.73 10.88
C PRO A 479 -27.26 1.72 10.95
N SER A 480 -27.82 1.34 9.82
CA SER A 480 -28.91 0.38 9.73
C SER A 480 -28.90 -0.24 8.33
N TYR A 481 -29.62 -1.35 8.18
CA TYR A 481 -29.56 -2.18 6.95
C TYR A 481 -30.65 -1.82 5.95
N ASP A 482 -30.29 -1.72 4.66
CA ASP A 482 -31.28 -1.55 3.61
C ASP A 482 -30.99 -2.57 2.50
N PRO A 483 -32.00 -2.90 1.67
CA PRO A 483 -31.69 -3.78 0.52
C PRO A 483 -30.58 -3.24 -0.39
N LEU A 484 -29.69 -4.12 -0.86
CA LEU A 484 -28.66 -3.76 -1.85
C LEU A 484 -29.39 -3.23 -3.09
N LYS A 485 -28.84 -2.15 -3.66
CA LYS A 485 -29.34 -1.51 -4.88
C LYS A 485 -28.33 -1.83 -6.04
N MET A 486 -28.83 -2.29 -7.18
CA MET A 486 -27.94 -2.78 -8.28
C MET A 486 -27.05 -1.72 -8.91
N ASP A 487 -27.50 -0.45 -8.90
CA ASP A 487 -26.74 0.60 -9.60
C ASP A 487 -25.89 1.41 -8.63
N GLU A 488 -26.10 1.24 -7.31
CA GLU A 488 -25.33 2.02 -6.36
C GLU A 488 -23.90 1.48 -6.32
N VAL A 489 -22.92 2.34 -6.18
CA VAL A 489 -21.52 1.93 -6.07
C VAL A 489 -21.17 1.97 -4.57
N TYR A 490 -20.80 0.79 -4.04
CA TYR A 490 -20.53 0.66 -2.60
C TYR A 490 -19.03 0.62 -2.34
N LYS A 491 -18.58 1.23 -1.25
CA LYS A 491 -17.21 0.96 -0.73
C LYS A 491 -17.22 -0.34 0.02
N VAL A 492 -16.21 -1.17 -0.21
CA VAL A 492 -16.11 -2.46 0.47
C VAL A 492 -14.63 -2.70 0.85
N ILE A 493 -14.39 -3.26 2.02
CA ILE A 493 -13.01 -3.67 2.38
C ILE A 493 -12.92 -5.16 2.11
N LEU A 494 -11.84 -5.58 1.38
CA LEU A 494 -11.69 -7.04 1.10
C LEU A 494 -10.22 -7.31 0.85
N PRO A 495 -9.86 -8.61 0.88
CA PRO A 495 -8.41 -8.91 0.66
C PRO A 495 -7.95 -8.55 -0.76
N ASN A 496 -6.71 -8.11 -0.84
CA ASN A 496 -6.13 -7.84 -2.14
C ASN A 496 -6.32 -9.08 -3.04
N PHE A 497 -6.22 -10.29 -2.49
CA PHE A 497 -6.42 -11.51 -3.31
C PHE A 497 -7.74 -11.47 -4.10
N LEU A 498 -8.83 -10.98 -3.44
CA LEU A 498 -10.12 -10.89 -4.12
C LEU A 498 -10.17 -9.70 -5.11
N ALA A 499 -9.60 -8.55 -4.71
CA ALA A 499 -9.57 -7.36 -5.59
C ALA A 499 -8.92 -7.77 -6.91
N ASN A 500 -7.95 -8.69 -6.81
CA ASN A 500 -7.21 -9.17 -8.00
C ASN A 500 -7.86 -10.31 -8.72
N GLY A 501 -9.07 -10.68 -8.30
CA GLY A 501 -9.84 -11.69 -9.01
C GLY A 501 -9.56 -13.12 -8.56
N GLY A 502 -8.90 -13.27 -7.39
CA GLY A 502 -8.54 -14.59 -6.80
C GLY A 502 -9.81 -15.38 -6.50
N ASP A 503 -9.68 -16.71 -6.40
CA ASP A 503 -10.81 -17.61 -6.11
C ASP A 503 -11.98 -17.50 -7.08
N GLY A 504 -11.69 -17.12 -8.33
CA GLY A 504 -12.70 -17.06 -9.35
C GLY A 504 -13.51 -15.83 -9.30
N PHE A 505 -13.12 -14.85 -8.46
CA PHE A 505 -13.88 -13.57 -8.38
C PHE A 505 -13.46 -12.63 -9.50
N GLN A 506 -13.55 -13.12 -10.74
CA GLN A 506 -13.17 -12.31 -11.88
C GLN A 506 -14.04 -11.07 -12.02
N MET A 507 -15.32 -11.16 -11.63
CA MET A 507 -16.23 -10.01 -11.71
C MET A 507 -15.73 -8.85 -10.86
N ILE A 508 -15.06 -9.12 -9.75
CA ILE A 508 -14.56 -8.03 -8.86
C ILE A 508 -13.47 -7.29 -9.61
N LYS A 509 -12.51 -8.07 -10.11
CA LYS A 509 -11.37 -7.47 -10.80
C LYS A 509 -11.89 -6.67 -12.04
N ASP A 510 -12.86 -7.20 -12.78
CA ASP A 510 -13.19 -6.67 -14.09
C ASP A 510 -14.21 -5.54 -13.98
N GLU A 511 -14.99 -5.53 -12.88
CA GLU A 511 -16.05 -4.53 -12.74
C GLU A 511 -15.78 -3.45 -11.68
N LEU A 512 -14.72 -3.59 -10.86
CA LEU A 512 -14.52 -2.61 -9.78
C LEU A 512 -14.26 -1.19 -10.41
N LEU A 513 -14.67 -0.16 -9.65
CA LEU A 513 -14.48 1.23 -10.10
CA LEU A 513 -14.51 1.24 -10.10
C LEU A 513 -13.27 1.90 -9.52
N ARG A 514 -12.81 1.39 -8.37
CA ARG A 514 -11.66 1.93 -7.69
C ARG A 514 -11.08 0.81 -6.84
N HIS A 515 -9.73 0.78 -6.70
CA HIS A 515 -9.07 -0.21 -5.87
C HIS A 515 -7.87 0.49 -5.25
N ASP A 516 -7.84 0.59 -3.90
CA ASP A 516 -6.71 1.14 -3.17
C ASP A 516 -6.14 0.10 -2.25
N SER A 517 -4.81 -0.02 -2.22
CA SER A 517 -4.14 -1.05 -1.38
C SER A 517 -4.08 -0.54 0.09
N GLY A 518 -4.45 -1.41 1.02
CA GLY A 518 -4.57 -1.08 2.45
C GLY A 518 -3.52 -1.72 3.28
N ASP A 519 -3.83 -1.87 4.59
CA ASP A 519 -2.84 -2.29 5.57
C ASP A 519 -2.58 -3.86 5.52
N GLN A 520 -1.42 -4.21 6.09
CA GLN A 520 -1.09 -5.66 6.21
C GLN A 520 -2.22 -6.39 6.96
N ASP A 521 -2.67 -7.53 6.41
CA ASP A 521 -3.76 -8.36 6.96
C ASP A 521 -3.54 -8.70 8.43
N ILE A 522 -2.36 -9.23 8.76
CA ILE A 522 -2.12 -9.63 10.19
C ILE A 522 -2.21 -8.38 11.13
N ASN A 523 -1.62 -7.24 10.69
CA ASN A 523 -1.51 -6.01 11.48
C ASN A 523 -2.92 -5.48 11.71
N VAL A 524 -3.80 -5.59 10.68
CA VAL A 524 -5.21 -5.11 10.87
C VAL A 524 -5.83 -5.82 12.07
N VAL A 525 -5.62 -7.14 12.12
CA VAL A 525 -6.30 -7.93 13.13
C VAL A 525 -5.58 -7.74 14.46
N SER A 526 -4.23 -7.76 14.50
CA SER A 526 -3.51 -7.58 15.76
C SER A 526 -3.87 -6.22 16.47
N THR A 527 -3.99 -5.14 15.68
CA THR A 527 -4.29 -3.83 16.23
C THR A 527 -5.67 -3.87 16.84
N TYR A 528 -6.61 -4.49 16.14
CA TYR A 528 -8.00 -4.58 16.63
C TYR A 528 -8.08 -5.36 17.95
N ILE A 529 -7.41 -6.53 17.99
CA ILE A 529 -7.43 -7.32 19.21
C ILE A 529 -6.78 -6.53 20.36
N SER A 530 -5.64 -5.87 20.11
CA SER A 530 -4.94 -5.09 21.14
C SER A 530 -5.83 -3.98 21.68
N LYS A 531 -6.61 -3.34 20.80
CA LYS A 531 -7.54 -2.26 21.17
C LYS A 531 -8.69 -2.84 22.03
N MET A 532 -9.25 -3.99 21.61
CA MET A 532 -10.44 -4.56 22.27
C MET A 532 -10.09 -5.21 23.63
N LYS A 533 -8.85 -5.73 23.74
CA LYS A 533 -8.27 -6.33 24.99
C LYS A 533 -8.80 -7.75 25.24
N VAL A 534 -10.12 -7.90 25.24
CA VAL A 534 -10.81 -9.20 25.46
C VAL A 534 -11.89 -9.30 24.42
N ILE A 535 -11.82 -10.33 23.57
CA ILE A 535 -12.77 -10.50 22.46
C ILE A 535 -13.65 -11.74 22.66
N TYR A 536 -14.84 -11.69 22.08
CA TYR A 536 -15.83 -12.76 22.17
C TYR A 536 -16.75 -12.74 20.97
N PRO A 537 -16.16 -12.80 19.76
CA PRO A 537 -17.02 -12.79 18.56
C PRO A 537 -18.02 -13.94 18.48
N ALA A 538 -19.25 -13.64 18.10
CA ALA A 538 -20.35 -14.57 17.96
C ALA A 538 -20.65 -14.82 16.51
N VAL A 539 -21.29 -15.97 16.20
CA VAL A 539 -22.01 -16.17 14.96
C VAL A 539 -23.44 -15.61 15.14
N GLU A 540 -23.83 -14.61 14.34
CA GLU A 540 -25.01 -13.85 14.70
C GLU A 540 -26.07 -13.69 13.60
N GLY A 541 -25.96 -14.52 12.55
CA GLY A 541 -26.93 -14.49 11.48
C GLY A 541 -26.65 -13.51 10.34
N ARG A 542 -25.39 -13.09 10.20
CA ARG A 542 -25.00 -12.33 9.01
C ARG A 542 -25.20 -13.18 7.74
N ILE A 543 -25.02 -14.53 7.81
CA ILE A 543 -25.27 -15.37 6.67
C ILE A 543 -26.32 -16.41 7.06
N LYS A 544 -27.43 -16.53 6.31
CA LYS A 544 -28.42 -17.54 6.59
C LYS A 544 -28.76 -18.36 5.35
N PHE A 545 -29.30 -19.57 5.54
CA PHE A 545 -29.74 -20.40 4.46
C PHE A 545 -31.23 -20.64 4.60
N SER A 546 -31.87 -20.48 3.46
CA SER A 546 -33.26 -20.83 3.07
CA SER A 546 -33.31 -20.87 3.22
C SER A 546 -34.19 -19.73 2.74
ZN ZN B . 0.07 4.60 -1.69
ZN ZN C . 1.30 1.60 -1.33
O5' ADN D . -6.64 -23.47 -0.09
C5' ADN D . -6.93 -22.83 -1.34
C4' ADN D . -7.63 -21.52 -0.96
O4' ADN D . -6.76 -20.65 -0.28
C3' ADN D . -8.10 -20.71 -2.11
O3' ADN D . -9.38 -21.26 -2.46
C2' ADN D . -8.17 -19.30 -1.53
O2' ADN D . -9.40 -19.22 -0.87
C1' ADN D . -7.10 -19.26 -0.49
N9 ADN D . -5.92 -18.46 -0.87
C8 ADN D . -4.88 -18.83 -1.64
N7 ADN D . -4.00 -17.82 -1.76
C5 ADN D . -4.48 -16.79 -1.07
C6 ADN D . -4.06 -15.43 -0.77
N6 ADN D . -2.91 -15.01 -1.29
N1 ADN D . -4.87 -14.66 0.02
C2 ADN D . -6.03 -15.10 0.56
N3 ADN D . -6.47 -16.34 0.27
C4 ADN D . -5.75 -17.20 -0.47
CA CA E . 14.54 21.07 -17.67
CL CL F . -3.39 5.23 -11.05
#